data_2CZ6
#
_entry.id   2CZ6
#
_cell.length_a   114.917
_cell.length_b   60.477
_cell.length_c   81.796
_cell.angle_alpha   90.00
_cell.angle_beta   124.92
_cell.angle_gamma   90.00
#
_symmetry.space_group_name_H-M   'C 1 2 1'
#
loop_
_entity.id
_entity.type
_entity.pdbx_description
1 polymer 'Nitrile hydratase subunit alpha'
2 polymer 'Nitrile hydratase subunit beta'
3 non-polymer 'FE (III) ION'
4 non-polymer 'MAGNESIUM ION'
5 non-polymer 'NITRIC OXIDE'
6 non-polymer 'CYCLOHEXYL ISOCYANIDE'
7 water water
#
loop_
_entity_poly.entity_id
_entity_poly.type
_entity_poly.pdbx_seq_one_letter_code
_entity_poly.pdbx_strand_id
1 'polypeptide(L)'
;SVTIDHTTENAAPAQAPVSDRAWALFRALDGKGLVPDGYVEGWKKTFEEDFSPRRGAELVARAWTDPEFRQLLLTDGTAA
VAQYGYLGPQGEYIVAVEDTPTLKNVIVCSL(CSD)S(CSO)TAWPILGLPPTWYKSFEYRARVVREPRKVLSEMGTEIA
SDIEIRVYDTTAETRYMVLPQRPAGTEGWSQEQLQEIVTKDCLIGVAIPQVPTV
;
A
2 'polypeptide(L)'
;MDGVHDLAGVQGFGKVPHTVNADIGPTFHAEWEHLPYSLMFAGVAELGAFSVDEVRYVVERMEPRHYMMTPYYERYVIGV
ATLMVEKGILTQDELESLAGGPFPLSRPSESEGRPAPVETTTFEVGQRVRVRDEYVPGHIRMPAYCRGRVGTISHRTTEK
WPFPDAIGHGRNDAGEEPTYHVKFAAEELFGSDTDGGSVVVDLFEGYLEPAA
;
B
#
# COMPACT_ATOMS: atom_id res chain seq x y z
N GLU A 9 15.16 -19.45 21.26
CA GLU A 9 15.47 -20.47 20.22
C GLU A 9 14.88 -20.10 18.86
N ASN A 10 14.34 -18.88 18.83
CA ASN A 10 13.76 -18.34 17.58
C ASN A 10 12.53 -19.11 17.06
N ALA A 11 11.89 -19.95 17.89
CA ALA A 11 10.76 -20.77 17.47
C ALA A 11 9.47 -19.96 17.37
N ALA A 12 8.53 -20.47 16.57
CA ALA A 12 7.22 -19.85 16.42
C ALA A 12 6.42 -20.02 17.70
N PRO A 13 5.56 -19.03 18.03
CA PRO A 13 4.69 -19.19 19.18
C PRO A 13 3.61 -20.23 18.88
N ALA A 14 3.12 -20.90 19.92
CA ALA A 14 1.98 -21.80 19.76
C ALA A 14 0.77 -20.98 19.34
N GLN A 15 0.07 -21.45 18.30
CA GLN A 15 -1.13 -20.78 17.81
C GLN A 15 -2.17 -21.77 17.34
N ALA A 16 -3.42 -21.50 17.68
CA ALA A 16 -4.55 -22.22 17.11
C ALA A 16 -4.55 -22.03 15.59
N PRO A 17 -5.19 -22.95 14.85
CA PRO A 17 -5.28 -22.78 13.39
C PRO A 17 -5.79 -21.38 13.03
N VAL A 18 -5.22 -20.79 11.99
CA VAL A 18 -5.59 -19.41 11.62
C VAL A 18 -7.09 -19.24 11.34
N SER A 19 -7.71 -20.21 10.68
CA SER A 19 -9.14 -20.14 10.44
C SER A 19 -9.91 -20.05 11.75
N ASP A 20 -9.49 -20.84 12.74
CA ASP A 20 -10.17 -20.83 14.04
C ASP A 20 -10.02 -19.47 14.73
N ARG A 21 -8.85 -18.86 14.60
CA ARG A 21 -8.61 -17.54 15.17
C ARG A 21 -9.41 -16.46 14.45
N ALA A 22 -9.41 -16.50 13.11
CA ALA A 22 -10.16 -15.52 12.34
C ALA A 22 -11.65 -15.57 12.64
N TRP A 23 -12.23 -16.77 12.64
CA TRP A 23 -13.66 -16.89 12.94
C TRP A 23 -13.98 -16.58 14.40
N ALA A 24 -13.04 -16.86 15.30
CA ALA A 24 -13.19 -16.48 16.72
C ALA A 24 -13.32 -14.97 16.85
N LEU A 25 -12.48 -14.24 16.12
CA LEU A 25 -12.57 -12.78 16.11
C LEU A 25 -13.93 -12.32 15.61
N PHE A 26 -14.38 -12.90 14.50
CA PHE A 26 -15.71 -12.59 13.98
C PHE A 26 -16.79 -12.85 15.02
N ARG A 27 -16.79 -14.06 15.59
CA ARG A 27 -17.85 -14.46 16.52
C ARG A 27 -17.82 -13.64 17.80
N ALA A 28 -16.62 -13.29 18.29
CA ALA A 28 -16.52 -12.48 19.48
C ALA A 28 -17.22 -11.14 19.29
N LEU A 29 -17.00 -10.53 18.13
CA LEU A 29 -17.58 -9.23 17.83
C LEU A 29 -19.06 -9.34 17.48
N ASP A 30 -19.38 -10.31 16.64
CA ASP A 30 -20.76 -10.50 16.19
C ASP A 30 -21.68 -10.84 17.36
N GLY A 31 -21.18 -11.64 18.29
CA GLY A 31 -21.98 -12.06 19.45
C GLY A 31 -22.31 -10.93 20.40
N LYS A 32 -21.63 -9.80 20.24
CA LYS A 32 -21.86 -8.61 21.05
C LYS A 32 -22.68 -7.54 20.31
N GLY A 33 -23.19 -7.91 19.14
CA GLY A 33 -24.04 -7.02 18.34
C GLY A 33 -23.27 -5.92 17.64
N LEU A 34 -21.96 -6.11 17.52
CA LEU A 34 -21.08 -5.06 16.99
C LEU A 34 -20.87 -5.12 15.48
N VAL A 35 -21.35 -6.19 14.85
CA VAL A 35 -21.21 -6.36 13.41
C VAL A 35 -22.61 -6.40 12.78
N PRO A 36 -22.97 -5.38 11.97
CA PRO A 36 -24.30 -5.35 11.35
C PRO A 36 -24.58 -6.58 10.51
N ASP A 37 -25.87 -6.89 10.33
CA ASP A 37 -26.29 -8.00 9.48
C ASP A 37 -25.65 -7.89 8.10
N GLY A 38 -25.04 -8.98 7.66
CA GLY A 38 -24.48 -9.08 6.32
C GLY A 38 -23.28 -8.19 6.07
N TYR A 39 -22.69 -7.65 7.13
CA TYR A 39 -21.61 -6.68 7.00
C TYR A 39 -20.34 -7.24 6.35
N VAL A 40 -19.80 -8.33 6.93
CA VAL A 40 -18.57 -8.90 6.36
C VAL A 40 -18.83 -9.54 5.00
N GLU A 41 -20.04 -10.08 4.82
CA GLU A 41 -20.43 -10.69 3.56
C GLU A 41 -20.49 -9.65 2.45
N GLY A 42 -21.00 -8.46 2.79
CA GLY A 42 -21.07 -7.33 1.88
C GLY A 42 -19.69 -6.86 1.45
N TRP A 43 -18.78 -6.74 2.42
CA TRP A 43 -17.39 -6.38 2.10
C TRP A 43 -16.73 -7.41 1.19
N LYS A 44 -16.93 -8.70 1.49
CA LYS A 44 -16.37 -9.78 0.67
C LYS A 44 -16.81 -9.60 -0.78
N LYS A 45 -18.08 -9.27 -1.01
CA LYS A 45 -18.69 -9.02 -2.32
C LYS A 45 -17.99 -7.87 -3.06
N THR A 46 -17.86 -6.80 -2.30
CA THR A 46 -17.19 -5.60 -2.80
C THR A 46 -15.75 -5.92 -3.22
N PHE A 47 -15.02 -6.60 -2.34
CA PHE A 47 -13.62 -6.96 -2.60
C PHE A 47 -13.48 -7.88 -3.82
N GLU A 48 -14.41 -8.81 -4.00
CA GLU A 48 -14.31 -9.81 -5.06
C GLU A 48 -14.85 -9.31 -6.40
N GLU A 49 -15.88 -8.47 -6.35
CA GLU A 49 -16.64 -8.17 -7.57
C GLU A 49 -16.54 -6.73 -8.06
N ASP A 50 -16.44 -5.78 -7.14
CA ASP A 50 -16.44 -4.37 -7.51
C ASP A 50 -15.03 -3.81 -7.70
N PHE A 51 -14.18 -4.01 -6.70
CA PHE A 51 -12.78 -3.57 -6.81
C PHE A 51 -12.10 -4.46 -7.83
N SER A 52 -11.69 -3.88 -8.96
CA SER A 52 -11.24 -4.68 -10.08
C SER A 52 -10.27 -3.94 -11.01
N PRO A 53 -9.22 -4.64 -11.47
CA PRO A 53 -8.31 -4.00 -12.44
C PRO A 53 -8.99 -3.73 -13.78
N ARG A 54 -10.16 -4.33 -14.01
CA ARG A 54 -10.88 -4.02 -15.24
C ARG A 54 -11.27 -2.55 -15.29
N ARG A 55 -11.46 -1.95 -14.12
CA ARG A 55 -11.76 -0.52 -14.03
C ARG A 55 -10.57 0.33 -14.44
N GLY A 56 -9.39 0.01 -13.89
CA GLY A 56 -8.18 0.69 -14.32
C GLY A 56 -7.93 0.53 -15.81
N ALA A 57 -8.17 -0.67 -16.34
CA ALA A 57 -8.00 -0.93 -17.78
C ALA A 57 -8.91 -0.02 -18.61
N GLU A 58 -10.15 0.15 -18.16
CA GLU A 58 -11.11 1.06 -18.80
C GLU A 58 -10.59 2.50 -18.81
N LEU A 59 -9.99 2.92 -17.70
CA LEU A 59 -9.45 4.27 -17.60
C LEU A 59 -8.28 4.46 -18.55
N VAL A 60 -7.43 3.44 -18.67
CA VAL A 60 -6.28 3.51 -19.56
C VAL A 60 -6.73 3.59 -21.03
N ALA A 61 -7.64 2.72 -21.43
CA ALA A 61 -8.15 2.73 -22.80
C ALA A 61 -8.82 4.05 -23.16
N ARG A 62 -9.52 4.65 -22.20
CA ARG A 62 -10.11 5.98 -22.40
C ARG A 62 -9.01 7.02 -22.61
N ALA A 63 -8.00 7.03 -21.72
CA ALA A 63 -6.89 7.97 -21.84
C ALA A 63 -6.17 7.83 -23.18
N TRP A 64 -6.01 6.58 -23.64
CA TRP A 64 -5.33 6.31 -24.90
C TRP A 64 -6.07 6.85 -26.13
N THR A 65 -7.39 7.03 -26.02
CA THR A 65 -8.20 7.44 -27.18
C THR A 65 -8.83 8.83 -27.01
N ASP A 66 -8.60 9.47 -25.86
CA ASP A 66 -9.24 10.73 -25.54
C ASP A 66 -8.19 11.63 -24.89
N PRO A 67 -7.49 12.45 -25.69
CA PRO A 67 -6.42 13.32 -25.17
C PRO A 67 -6.87 14.22 -24.01
N GLU A 68 -8.11 14.71 -24.07
CA GLU A 68 -8.64 15.56 -23.00
C GLU A 68 -8.75 14.80 -21.69
N PHE A 69 -9.26 13.57 -21.74
CA PHE A 69 -9.35 12.74 -20.55
C PHE A 69 -7.97 12.33 -20.07
N ARG A 70 -7.07 12.01 -21.00
CA ARG A 70 -5.70 11.67 -20.63
C ARG A 70 -5.10 12.78 -19.77
N GLN A 71 -5.25 14.03 -20.21
CA GLN A 71 -4.71 15.16 -19.47
C GLN A 71 -5.36 15.34 -18.10
N LEU A 72 -6.67 15.10 -18.01
CA LEU A 72 -7.36 15.16 -16.74
C LEU A 72 -6.86 14.06 -15.79
N LEU A 73 -6.77 12.84 -16.32
CA LEU A 73 -6.26 11.71 -15.54
C LEU A 73 -4.88 11.99 -14.97
N LEU A 74 -4.02 12.63 -15.76
CA LEU A 74 -2.64 12.91 -15.34
C LEU A 74 -2.47 14.11 -14.42
N THR A 75 -3.46 15.00 -14.37
CA THR A 75 -3.35 16.21 -13.55
C THR A 75 -4.25 16.18 -12.33
N ASP A 76 -5.41 15.53 -12.46
CA ASP A 76 -6.33 15.36 -11.34
C ASP A 76 -6.93 13.97 -11.47
N GLY A 77 -6.15 12.96 -11.07
CA GLY A 77 -6.58 11.58 -11.19
C GLY A 77 -7.90 11.30 -10.48
N THR A 78 -8.06 11.89 -9.29
CA THR A 78 -9.27 11.74 -8.50
C THR A 78 -10.51 12.16 -9.29
N ALA A 79 -10.46 13.34 -9.90
CA ALA A 79 -11.60 13.82 -10.68
C ALA A 79 -11.92 12.91 -11.86
N ALA A 80 -10.87 12.45 -12.54
CA ALA A 80 -11.02 11.57 -13.70
C ALA A 80 -11.69 10.25 -13.31
N VAL A 81 -11.19 9.65 -12.23
CA VAL A 81 -11.73 8.39 -11.73
C VAL A 81 -13.18 8.58 -11.24
N ALA A 82 -13.46 9.73 -10.62
CA ALA A 82 -14.81 10.05 -10.16
C ALA A 82 -15.84 10.08 -11.29
N GLN A 83 -15.42 10.50 -12.48
CA GLN A 83 -16.33 10.53 -13.64
C GLN A 83 -16.92 9.16 -13.95
N TYR A 84 -16.15 8.12 -13.66
CA TYR A 84 -16.59 6.74 -13.83
C TYR A 84 -17.25 6.17 -12.58
N GLY A 85 -17.20 6.92 -11.48
CA GLY A 85 -17.73 6.47 -10.19
C GLY A 85 -16.87 5.40 -9.53
N TYR A 86 -15.57 5.45 -9.79
CA TYR A 86 -14.67 4.41 -9.30
C TYR A 86 -13.82 4.80 -8.08
N LEU A 87 -14.09 5.95 -7.47
CA LEU A 87 -13.47 6.26 -6.18
C LEU A 87 -13.97 5.28 -5.15
N GLY A 88 -13.16 5.01 -4.14
CA GLY A 88 -13.61 4.15 -3.06
C GLY A 88 -12.53 3.98 -2.01
N PRO A 89 -12.78 3.09 -1.04
CA PRO A 89 -11.81 2.78 0.01
C PRO A 89 -10.45 2.46 -0.58
N GLN A 90 -9.40 3.07 -0.01
CA GLN A 90 -8.02 2.92 -0.50
C GLN A 90 -7.88 3.38 -1.95
N GLY A 91 -8.70 4.36 -2.31
CA GLY A 91 -8.67 4.91 -3.65
C GLY A 91 -9.45 6.19 -3.71
N GLU A 92 -9.16 7.08 -2.77
CA GLU A 92 -9.88 8.34 -2.66
C GLU A 92 -9.09 9.53 -3.21
N TYR A 93 -7.77 9.41 -3.23
CA TYR A 93 -6.89 10.42 -3.80
C TYR A 93 -6.01 9.70 -4.80
N ILE A 94 -6.31 9.88 -6.08
CA ILE A 94 -5.67 9.09 -7.14
C ILE A 94 -4.67 9.93 -7.92
N VAL A 95 -3.49 9.37 -8.12
CA VAL A 95 -2.53 9.93 -9.04
C VAL A 95 -2.14 8.87 -10.08
N ALA A 96 -2.30 9.23 -11.35
CA ALA A 96 -1.87 8.37 -12.43
C ALA A 96 -0.50 8.84 -12.90
N VAL A 97 0.39 7.89 -13.11
CA VAL A 97 1.76 8.20 -13.52
C VAL A 97 2.04 7.68 -14.91
N GLU A 98 2.60 8.56 -15.74
CA GLU A 98 2.71 8.37 -17.18
C GLU A 98 4.05 7.73 -17.58
N ASP A 99 3.98 6.52 -18.16
CA ASP A 99 5.15 5.94 -18.84
C ASP A 99 5.41 6.73 -20.11
N THR A 100 6.68 6.85 -20.46
CA THR A 100 7.11 7.52 -21.69
C THR A 100 8.19 6.68 -22.35
N PRO A 101 8.63 7.06 -23.57
CA PRO A 101 9.73 6.32 -24.20
C PRO A 101 11.01 6.26 -23.37
N THR A 102 11.15 7.15 -22.38
CA THR A 102 12.36 7.17 -21.53
C THR A 102 12.06 6.97 -20.05
N LEU A 103 10.84 6.57 -19.71
CA LEU A 103 10.47 6.43 -18.30
C LEU A 103 9.50 5.29 -18.09
N LYS A 104 9.86 4.37 -17.20
CA LYS A 104 8.94 3.31 -16.78
C LYS A 104 8.66 3.45 -15.29
N ASN A 105 7.38 3.52 -14.95
CA ASN A 105 6.93 3.65 -13.55
C ASN A 105 6.48 2.32 -12.98
N VAL A 106 6.75 2.13 -11.69
CA VAL A 106 6.38 0.90 -10.97
C VAL A 106 5.93 1.30 -9.56
N ILE A 107 4.90 0.62 -9.05
CA ILE A 107 4.30 0.94 -7.75
C ILE A 107 4.57 -0.19 -6.75
N VAL A 108 4.80 0.20 -5.50
CA VAL A 108 4.95 -0.73 -4.38
C VAL A 108 4.43 -0.05 -3.12
N CYS A 109 4.17 -0.85 -2.10
CA CYS A 109 4.10 -0.37 -0.73
C CYS A 109 5.13 -1.14 0.09
N SER A 110 6.29 -0.53 0.28
CA SER A 110 7.37 -1.25 0.93
C SER A 110 7.04 -1.54 2.38
N LEU A 111 6.20 -0.67 2.97
CA LEU A 111 5.86 -0.81 4.38
C LEU A 111 4.72 -1.78 4.71
N SER A 113 1.17 -2.83 2.03
CA SER A 113 0.50 -3.38 0.83
C SER A 113 -0.26 -2.32 0.05
N THR A 115 -2.30 0.07 -2.01
CA THR A 115 -2.71 -0.18 -3.40
C THR A 115 -4.02 0.55 -3.63
N ALA A 116 -4.19 1.08 -4.85
CA ALA A 116 -5.46 1.67 -5.29
C ALA A 116 -6.52 0.59 -5.50
N TRP A 117 -7.08 0.07 -4.41
CA TRP A 117 -8.01 -1.05 -4.49
C TRP A 117 -9.15 -0.96 -5.52
N PRO A 118 -9.88 0.17 -5.55
CA PRO A 118 -11.08 0.13 -6.40
C PRO A 118 -10.80 -0.01 -7.89
N ILE A 119 -9.63 0.46 -8.32
CA ILE A 119 -9.29 0.46 -9.74
C ILE A 119 -8.22 -0.55 -10.17
N LEU A 120 -7.48 -1.09 -9.20
CA LEU A 120 -6.50 -2.15 -9.47
C LEU A 120 -6.92 -3.50 -8.90
N GLY A 121 -7.92 -3.50 -8.04
CA GLY A 121 -8.26 -4.67 -7.23
C GLY A 121 -7.34 -4.78 -6.03
N LEU A 122 -7.74 -5.60 -5.06
CA LEU A 122 -6.88 -5.85 -3.91
C LEU A 122 -5.53 -6.37 -4.39
N PRO A 123 -4.45 -6.02 -3.66
CA PRO A 123 -3.13 -6.43 -4.15
C PRO A 123 -3.00 -7.95 -4.20
N PRO A 124 -2.24 -8.45 -5.18
CA PRO A 124 -1.97 -9.87 -5.25
C PRO A 124 -0.93 -10.28 -4.21
N THR A 125 -0.90 -11.57 -3.89
CA THR A 125 0.02 -12.11 -2.91
C THR A 125 1.46 -11.65 -3.18
N TRP A 126 1.88 -11.70 -4.44
CA TRP A 126 3.28 -11.39 -4.77
C TRP A 126 3.66 -9.93 -4.45
N TYR A 127 2.69 -9.03 -4.58
CA TYR A 127 2.93 -7.62 -4.37
C TYR A 127 3.14 -7.35 -2.89
N LYS A 128 2.49 -8.17 -2.05
CA LYS A 128 2.60 -8.08 -0.60
C LYS A 128 3.79 -8.88 -0.06
N SER A 129 4.51 -9.58 -0.94
CA SER A 129 5.62 -10.42 -0.51
C SER A 129 6.77 -9.61 0.01
N PHE A 130 7.52 -10.19 0.94
CA PHE A 130 8.70 -9.52 1.46
C PHE A 130 9.71 -9.32 0.32
N GLU A 131 9.73 -10.26 -0.63
CA GLU A 131 10.65 -10.18 -1.76
C GLU A 131 10.42 -8.91 -2.58
N TYR A 132 9.17 -8.65 -2.93
CA TYR A 132 8.84 -7.48 -3.73
C TYR A 132 9.03 -6.20 -2.91
N ARG A 133 8.52 -6.21 -1.68
CA ARG A 133 8.65 -5.06 -0.76
C ARG A 133 10.10 -4.66 -0.47
N ALA A 134 10.98 -5.64 -0.32
CA ALA A 134 12.40 -5.36 -0.09
C ALA A 134 13.14 -4.94 -1.36
N ARG A 135 12.86 -5.63 -2.46
CA ARG A 135 13.74 -5.55 -3.62
C ARG A 135 13.40 -4.50 -4.65
N VAL A 136 12.12 -4.27 -4.92
CA VAL A 136 11.80 -3.42 -6.10
C VAL A 136 12.26 -1.96 -5.94
N VAL A 137 12.34 -1.49 -4.70
CA VAL A 137 12.80 -0.11 -4.45
C VAL A 137 14.28 0.04 -4.82
N ARG A 138 15.05 -1.03 -4.62
CA ARG A 138 16.51 -0.98 -4.79
C ARG A 138 16.99 -1.53 -6.12
N GLU A 139 16.33 -2.58 -6.62
CA GLU A 139 16.74 -3.19 -7.88
C GLU A 139 15.54 -3.49 -8.77
N PRO A 140 14.80 -2.43 -9.15
CA PRO A 140 13.60 -2.65 -9.95
C PRO A 140 13.88 -3.24 -11.32
N ARG A 141 15.03 -2.94 -11.92
CA ARG A 141 15.34 -3.49 -13.24
C ARG A 141 15.47 -5.00 -13.18
N LYS A 142 16.20 -5.49 -12.19
CA LYS A 142 16.38 -6.93 -12.01
C LYS A 142 15.07 -7.62 -11.61
N VAL A 143 14.30 -6.99 -10.72
CA VAL A 143 13.01 -7.55 -10.32
C VAL A 143 12.08 -7.69 -11.52
N LEU A 144 11.93 -6.63 -12.31
CA LEU A 144 11.07 -6.71 -13.48
C LEU A 144 11.56 -7.76 -14.47
N SER A 145 12.87 -7.80 -14.70
CA SER A 145 13.46 -8.80 -15.58
C SER A 145 13.10 -10.22 -15.14
N GLU A 146 13.27 -10.49 -13.84
CA GLU A 146 12.95 -11.80 -13.30
C GLU A 146 11.46 -12.11 -13.46
N MET A 147 10.64 -11.07 -13.37
CA MET A 147 9.19 -11.20 -13.54
C MET A 147 8.76 -11.31 -15.00
N GLY A 148 9.68 -11.08 -15.93
CA GLY A 148 9.39 -11.25 -17.36
C GLY A 148 9.29 -9.97 -18.17
N THR A 149 9.72 -8.86 -17.58
CA THR A 149 9.67 -7.57 -18.28
C THR A 149 11.05 -6.96 -18.36
N GLU A 150 11.56 -6.84 -19.59
CA GLU A 150 12.87 -6.25 -19.81
C GLU A 150 12.74 -4.76 -20.06
N ILE A 151 13.45 -3.98 -19.25
CA ILE A 151 13.49 -2.54 -19.41
C ILE A 151 14.92 -2.16 -19.78
N ALA A 152 15.07 -1.64 -20.99
CA ALA A 152 16.37 -1.23 -21.52
C ALA A 152 17.07 -0.18 -20.64
N SER A 153 18.40 -0.10 -20.79
CA SER A 153 19.23 0.82 -20.00
C SER A 153 18.89 2.30 -20.23
N ASP A 154 18.37 2.62 -21.42
CA ASP A 154 18.06 4.02 -21.77
C ASP A 154 16.67 4.47 -21.28
N ILE A 155 16.02 3.61 -20.52
CA ILE A 155 14.77 3.95 -19.87
C ILE A 155 15.00 4.07 -18.36
N GLU A 156 14.66 5.23 -17.81
CA GLU A 156 14.72 5.44 -16.36
C GLU A 156 13.56 4.67 -15.73
N ILE A 157 13.87 3.92 -14.67
CA ILE A 157 12.82 3.29 -13.88
C ILE A 157 12.58 4.16 -12.66
N ARG A 158 11.30 4.45 -12.43
CA ARG A 158 10.88 5.24 -11.27
C ARG A 158 9.91 4.42 -10.43
N VAL A 159 10.29 4.21 -9.18
CA VAL A 159 9.48 3.41 -8.26
C VAL A 159 8.75 4.35 -7.33
N TYR A 160 7.42 4.22 -7.31
CA TYR A 160 6.58 4.98 -6.39
C TYR A 160 6.28 4.11 -5.17
N ASP A 161 6.78 4.53 -4.01
CA ASP A 161 6.53 3.83 -2.76
C ASP A 161 5.30 4.46 -2.13
N THR A 162 4.24 3.67 -1.98
CA THR A 162 2.95 4.17 -1.52
C THR A 162 2.94 4.26 0.01
N THR A 163 3.45 5.39 0.49
CA THR A 163 3.71 5.56 1.92
C THR A 163 2.69 6.41 2.65
N ALA A 164 1.75 7.01 1.93
CA ALA A 164 0.74 7.85 2.58
C ALA A 164 -0.64 7.57 1.99
N GLU A 165 -1.38 8.61 1.63
CA GLU A 165 -2.73 8.43 1.11
C GLU A 165 -2.86 8.48 -0.42
N THR A 166 -1.84 8.97 -1.13
CA THR A 166 -1.88 8.89 -2.59
C THR A 166 -1.99 7.42 -2.98
N ARG A 167 -2.90 7.15 -3.91
CA ARG A 167 -3.08 5.81 -4.43
C ARG A 167 -2.84 5.88 -5.93
N TYR A 168 -1.91 5.07 -6.40
CA TYR A 168 -1.34 5.22 -7.72
C TYR A 168 -1.87 4.23 -8.75
N MET A 169 -1.90 4.66 -10.02
CA MET A 169 -2.01 3.72 -11.13
C MET A 169 -0.99 4.13 -12.18
N VAL A 170 -0.45 3.15 -12.89
CA VAL A 170 0.45 3.45 -14.01
C VAL A 170 -0.39 3.56 -15.28
N LEU A 171 -0.14 4.62 -16.04
CA LEU A 171 -0.66 4.73 -17.41
C LEU A 171 0.46 4.26 -18.35
N PRO A 172 0.37 3.02 -18.85
CA PRO A 172 1.44 2.52 -19.71
C PRO A 172 1.38 3.16 -21.07
N GLN A 173 2.48 3.07 -21.82
CA GLN A 173 2.50 3.53 -23.20
C GLN A 173 1.56 2.67 -24.03
N ARG A 174 0.91 3.28 -25.00
CA ARG A 174 0.08 2.52 -25.91
C ARG A 174 0.97 1.85 -26.94
N PRO A 175 0.94 0.50 -27.01
CA PRO A 175 1.82 -0.22 -27.91
C PRO A 175 1.45 -0.04 -29.38
N ALA A 176 2.46 -0.04 -30.23
CA ALA A 176 2.26 -0.07 -31.67
C ALA A 176 1.46 -1.30 -32.07
N GLY A 177 0.69 -1.19 -33.15
CA GLY A 177 -0.12 -2.30 -33.62
C GLY A 177 -1.54 -2.25 -33.11
N THR A 178 -1.86 -1.22 -32.33
CA THR A 178 -3.21 -1.05 -31.79
C THR A 178 -3.93 0.16 -32.41
N GLU A 179 -3.39 0.68 -33.52
CA GLU A 179 -3.97 1.86 -34.15
C GLU A 179 -5.39 1.57 -34.60
N GLY A 180 -6.31 2.44 -34.18
CA GLY A 180 -7.71 2.30 -34.57
C GLY A 180 -8.52 1.32 -33.73
N TRP A 181 -7.88 0.63 -32.80
CA TRP A 181 -8.61 -0.29 -31.92
C TRP A 181 -9.70 0.42 -31.14
N SER A 182 -10.76 -0.32 -30.84
CA SER A 182 -11.85 0.20 -30.02
C SER A 182 -11.38 0.25 -28.56
N GLN A 183 -12.12 0.99 -27.73
CA GLN A 183 -11.82 1.03 -26.30
C GLN A 183 -11.89 -0.37 -25.68
N GLU A 184 -12.85 -1.18 -26.13
CA GLU A 184 -12.99 -2.57 -25.65
C GLU A 184 -11.75 -3.41 -26.00
N GLN A 185 -11.24 -3.25 -27.22
CA GLN A 185 -10.06 -3.99 -27.64
C GLN A 185 -8.83 -3.56 -26.85
N LEU A 186 -8.72 -2.26 -26.60
CA LEU A 186 -7.58 -1.72 -25.86
C LEU A 186 -7.63 -2.16 -24.39
N GLN A 187 -8.82 -2.07 -23.79
CA GLN A 187 -9.01 -2.50 -22.40
C GLN A 187 -8.48 -3.90 -22.19
N GLU A 188 -8.72 -4.76 -23.17
CA GLU A 188 -8.38 -6.18 -23.05
C GLU A 188 -6.91 -6.43 -22.78
N ILE A 189 -6.04 -5.57 -23.32
CA ILE A 189 -4.60 -5.79 -23.19
C ILE A 189 -3.98 -5.04 -22.00
N VAL A 190 -4.78 -4.25 -21.30
CA VAL A 190 -4.32 -3.61 -20.08
C VAL A 190 -4.68 -4.48 -18.88
N THR A 191 -3.67 -5.14 -18.32
CA THR A 191 -3.87 -6.08 -17.23
C THR A 191 -3.54 -5.44 -15.88
N LYS A 192 -3.92 -6.14 -14.81
CA LYS A 192 -3.58 -5.73 -13.46
C LYS A 192 -2.10 -5.38 -13.34
N ASP A 193 -1.25 -6.24 -13.88
CA ASP A 193 0.21 -6.02 -13.79
C ASP A 193 0.69 -4.80 -14.57
N CYS A 194 -0.03 -4.43 -15.62
CA CYS A 194 0.27 -3.20 -16.34
C CYS A 194 -0.04 -1.99 -15.49
N LEU A 195 -1.14 -2.06 -14.72
CA LEU A 195 -1.54 -0.97 -13.82
C LEU A 195 -0.60 -0.78 -12.63
N ILE A 196 -0.05 -1.90 -12.15
CA ILE A 196 0.94 -1.85 -11.06
C ILE A 196 2.27 -1.35 -11.60
N GLY A 197 2.56 -1.67 -12.87
CA GLY A 197 3.74 -1.17 -13.55
C GLY A 197 4.80 -2.21 -13.84
N VAL A 198 4.56 -3.46 -13.44
CA VAL A 198 5.55 -4.52 -13.64
C VAL A 198 5.47 -5.15 -15.03
N ALA A 199 4.36 -4.91 -15.74
CA ALA A 199 4.17 -5.45 -17.09
C ALA A 199 3.87 -4.33 -18.07
N ILE A 200 4.19 -4.59 -19.34
CA ILE A 200 3.88 -3.71 -20.47
C ILE A 200 2.76 -4.39 -21.27
N PRO A 201 1.73 -3.62 -21.69
CA PRO A 201 0.65 -4.22 -22.49
C PRO A 201 1.17 -4.92 -23.74
N GLN A 202 0.66 -6.14 -23.96
CA GLN A 202 1.10 -7.02 -25.04
C GLN A 202 0.08 -7.07 -26.18
N VAL A 203 0.58 -6.96 -27.40
CA VAL A 203 -0.25 -7.08 -28.59
C VAL A 203 -0.01 -8.48 -29.19
N PRO A 204 -1.09 -9.25 -29.44
CA PRO A 204 -0.95 -10.57 -30.08
C PRO A 204 -0.20 -10.55 -31.40
N THR A 205 0.50 -11.65 -31.71
CA THR A 205 1.30 -11.79 -32.92
C THR A 205 0.44 -11.73 -34.18
N MET B 1 8.85 3.67 13.61
CA MET B 1 9.37 2.48 14.34
C MET B 1 10.28 1.71 13.42
N ASP B 2 11.53 1.50 13.84
CA ASP B 2 12.54 0.81 13.04
C ASP B 2 12.37 -0.71 13.08
N GLY B 3 11.17 -1.16 12.74
CA GLY B 3 10.83 -2.58 12.83
C GLY B 3 11.23 -3.34 11.59
N VAL B 4 11.11 -4.66 11.68
CA VAL B 4 11.44 -5.51 10.54
C VAL B 4 10.50 -5.29 9.35
N HIS B 5 9.34 -4.69 9.60
CA HIS B 5 8.39 -4.37 8.54
C HIS B 5 8.97 -3.35 7.54
N ASP B 6 10.01 -2.61 7.95
CA ASP B 6 10.61 -1.59 7.10
C ASP B 6 11.62 -2.31 6.19
N LEU B 7 11.09 -2.91 5.14
CA LEU B 7 11.85 -3.89 4.35
C LEU B 7 12.59 -3.30 3.16
N ALA B 8 12.16 -2.14 2.66
CA ALA B 8 12.77 -1.59 1.46
C ALA B 8 14.28 -1.51 1.62
N GLY B 9 15.00 -2.09 0.66
CA GLY B 9 16.45 -2.05 0.66
C GLY B 9 17.13 -3.23 1.34
N VAL B 10 16.36 -4.05 2.06
CA VAL B 10 16.92 -5.23 2.69
C VAL B 10 17.41 -6.18 1.61
N GLN B 11 18.60 -6.74 1.82
CA GLN B 11 19.23 -7.64 0.86
C GLN B 11 19.21 -9.09 1.34
N GLY B 12 19.11 -10.01 0.39
CA GLY B 12 19.12 -11.44 0.70
C GLY B 12 17.85 -12.20 0.34
N PHE B 13 16.79 -11.47 -0.01
CA PHE B 13 15.58 -12.12 -0.49
C PHE B 13 15.75 -12.68 -1.90
N GLY B 14 15.00 -13.74 -2.18
CA GLY B 14 15.03 -14.35 -3.50
C GLY B 14 14.03 -13.75 -4.46
N LYS B 15 13.62 -14.56 -5.44
CA LYS B 15 12.73 -14.08 -6.49
C LYS B 15 11.35 -13.73 -5.98
N VAL B 16 10.77 -12.69 -6.55
CA VAL B 16 9.36 -12.38 -6.32
C VAL B 16 8.57 -13.57 -6.87
N PRO B 17 7.62 -14.11 -6.08
CA PRO B 17 6.88 -15.30 -6.53
C PRO B 17 5.77 -14.99 -7.55
N HIS B 18 6.19 -14.52 -8.72
CA HIS B 18 5.26 -14.15 -9.78
C HIS B 18 6.03 -13.96 -11.07
N THR B 19 5.36 -14.23 -12.18
CA THR B 19 5.80 -13.74 -13.48
C THR B 19 4.60 -13.00 -14.06
N VAL B 20 4.87 -11.98 -14.86
CA VAL B 20 3.79 -11.07 -15.25
C VAL B 20 2.61 -11.78 -15.92
N ASN B 21 1.42 -11.34 -15.51
CA ASN B 21 0.15 -11.86 -16.01
C ASN B 21 -0.14 -13.32 -15.68
N ALA B 22 0.65 -13.90 -14.78
CA ALA B 22 0.35 -15.25 -14.26
C ALA B 22 -0.95 -15.23 -13.49
N ASP B 23 -1.61 -16.38 -13.45
CA ASP B 23 -2.86 -16.56 -12.71
C ASP B 23 -2.57 -16.39 -11.23
N ILE B 24 -3.25 -15.43 -10.60
CA ILE B 24 -3.09 -15.18 -9.17
C ILE B 24 -4.21 -15.85 -8.37
N GLY B 25 -5.11 -16.52 -9.08
CA GLY B 25 -6.23 -17.22 -8.43
C GLY B 25 -7.29 -16.24 -7.95
N PRO B 26 -8.19 -16.72 -7.07
CA PRO B 26 -9.29 -15.89 -6.58
C PRO B 26 -8.79 -14.79 -5.65
N THR B 27 -9.62 -13.79 -5.40
CA THR B 27 -9.26 -12.71 -4.49
C THR B 27 -8.87 -13.27 -3.11
N PHE B 28 -9.69 -14.20 -2.62
CA PHE B 28 -9.43 -14.85 -1.35
C PHE B 28 -9.18 -16.34 -1.55
N HIS B 29 -8.09 -16.82 -0.99
CA HIS B 29 -7.65 -18.20 -1.16
C HIS B 29 -8.10 -19.12 -0.04
N ALA B 30 -8.72 -18.54 0.98
CA ALA B 30 -9.33 -19.31 2.06
C ALA B 30 -10.59 -18.59 2.52
N GLU B 31 -11.51 -19.33 3.14
CA GLU B 31 -12.83 -18.80 3.46
C GLU B 31 -12.84 -17.74 4.55
N TRP B 32 -11.74 -17.61 5.29
CA TRP B 32 -11.62 -16.62 6.36
C TRP B 32 -10.96 -15.32 5.91
N GLU B 33 -10.34 -15.30 4.74
CA GLU B 33 -9.41 -14.22 4.37
C GLU B 33 -10.03 -12.83 4.22
N HIS B 34 -11.33 -12.76 3.96
CA HIS B 34 -12.01 -11.46 3.89
C HIS B 34 -12.26 -10.85 5.27
N LEU B 35 -12.09 -11.66 6.33
CA LEU B 35 -12.45 -11.18 7.67
C LEU B 35 -11.57 -10.04 8.21
N PRO B 36 -10.25 -10.18 8.13
CA PRO B 36 -9.43 -9.05 8.61
C PRO B 36 -9.79 -7.66 8.07
N TYR B 37 -9.91 -7.52 6.77
CA TYR B 37 -10.25 -6.23 6.19
C TYR B 37 -11.66 -5.81 6.59
N SER B 38 -12.60 -6.76 6.53
CA SER B 38 -13.99 -6.42 6.84
C SER B 38 -14.16 -6.01 8.30
N LEU B 39 -13.47 -6.70 9.20
CA LEU B 39 -13.53 -6.36 10.62
C LEU B 39 -12.72 -5.12 10.97
N MET B 40 -11.67 -4.86 10.20
CA MET B 40 -10.99 -3.56 10.31
C MET B 40 -11.98 -2.44 10.01
N PHE B 41 -12.71 -2.55 8.90
CA PHE B 41 -13.69 -1.51 8.57
C PHE B 41 -14.81 -1.40 9.60
N ALA B 42 -15.23 -2.54 10.15
CA ALA B 42 -16.20 -2.51 11.25
C ALA B 42 -15.62 -1.68 12.40
N GLY B 43 -14.38 -1.98 12.79
CA GLY B 43 -13.69 -1.24 13.83
C GLY B 43 -13.59 0.25 13.56
N VAL B 44 -13.21 0.62 12.34
CA VAL B 44 -13.01 2.03 12.00
C VAL B 44 -14.33 2.77 11.83
N ALA B 45 -15.20 2.22 10.98
CA ALA B 45 -16.39 2.93 10.50
C ALA B 45 -17.64 2.72 11.34
N GLU B 46 -17.79 1.53 11.92
CA GLU B 46 -19.00 1.18 12.67
C GLU B 46 -18.80 1.39 14.17
N LEU B 47 -17.70 0.87 14.70
CA LEU B 47 -17.41 0.97 16.13
C LEU B 47 -16.75 2.30 16.48
N GLY B 48 -16.02 2.88 15.53
CA GLY B 48 -15.15 4.03 15.81
C GLY B 48 -14.10 3.74 16.87
N ALA B 49 -13.65 2.48 16.92
CA ALA B 49 -12.75 2.01 17.99
C ALA B 49 -11.28 2.36 17.74
N PHE B 50 -10.92 2.50 16.47
CA PHE B 50 -9.55 2.80 16.09
C PHE B 50 -9.47 3.40 14.68
N SER B 51 -8.30 3.92 14.32
CA SER B 51 -8.08 4.46 13.00
C SER B 51 -7.40 3.43 12.10
N VAL B 52 -7.40 3.70 10.79
CA VAL B 52 -6.67 2.85 9.86
C VAL B 52 -5.18 2.88 10.22
N ASP B 53 -4.66 4.06 10.58
CA ASP B 53 -3.25 4.18 10.96
C ASP B 53 -2.90 3.27 12.15
N GLU B 54 -3.81 3.16 13.11
CA GLU B 54 -3.61 2.25 14.25
C GLU B 54 -3.51 0.79 13.83
N VAL B 55 -4.18 0.44 12.73
CA VAL B 55 -4.06 -0.92 12.19
C VAL B 55 -2.67 -1.14 11.60
N ARG B 56 -2.16 -0.17 10.85
CA ARG B 56 -0.79 -0.31 10.34
C ARG B 56 0.19 -0.47 11.49
N TYR B 57 0.04 0.37 12.51
CA TYR B 57 0.96 0.35 13.63
C TYR B 57 0.89 -0.95 14.45
N VAL B 58 -0.32 -1.46 14.69
CA VAL B 58 -0.43 -2.68 15.50
C VAL B 58 0.23 -3.87 14.77
N VAL B 59 0.19 -3.87 13.44
CA VAL B 59 0.89 -4.90 12.66
C VAL B 59 2.40 -4.69 12.76
N GLU B 60 2.86 -3.43 12.70
CA GLU B 60 4.28 -3.15 12.96
C GLU B 60 4.72 -3.65 14.34
N ARG B 61 3.77 -3.70 15.28
CA ARG B 61 4.06 -4.11 16.65
C ARG B 61 4.06 -5.63 16.87
N MET B 62 3.78 -6.43 15.83
CA MET B 62 3.97 -7.87 15.98
C MET B 62 5.42 -8.13 16.41
N GLU B 63 5.60 -9.12 17.29
CA GLU B 63 6.96 -9.52 17.64
C GLU B 63 7.69 -9.84 16.32
N PRO B 64 8.96 -9.41 16.17
CA PRO B 64 9.58 -9.46 14.84
C PRO B 64 9.62 -10.82 14.16
N ARG B 65 9.99 -11.87 14.89
CA ARG B 65 10.00 -13.20 14.29
C ARG B 65 8.58 -13.62 13.91
N HIS B 66 7.61 -13.28 14.77
CA HIS B 66 6.20 -13.55 14.49
C HIS B 66 5.78 -12.87 13.18
N TYR B 67 6.13 -11.60 13.00
CA TYR B 67 5.84 -10.89 11.76
C TYR B 67 6.42 -11.64 10.56
N MET B 68 7.68 -12.08 10.69
CA MET B 68 8.39 -12.64 9.53
C MET B 68 7.88 -14.00 9.08
N MET B 69 7.22 -14.74 9.97
CA MET B 69 6.69 -16.05 9.57
C MET B 69 5.17 -16.09 9.37
N THR B 70 4.52 -14.94 9.50
CA THR B 70 3.06 -14.88 9.40
C THR B 70 2.59 -14.39 8.01
N PRO B 71 1.72 -15.17 7.34
CA PRO B 71 1.15 -14.69 6.08
C PRO B 71 0.40 -13.36 6.24
N TYR B 72 0.37 -12.58 5.16
CA TYR B 72 -0.21 -11.25 5.14
C TYR B 72 -1.57 -11.16 5.84
N TYR B 73 -2.56 -11.92 5.37
CA TYR B 73 -3.91 -11.71 5.92
C TYR B 73 -3.98 -12.08 7.39
N GLU B 74 -3.17 -13.05 7.79
CA GLU B 74 -3.13 -13.45 9.19
C GLU B 74 -2.55 -12.34 10.07
N ARG B 75 -1.60 -11.56 9.54
CA ARG B 75 -1.07 -10.44 10.31
C ARG B 75 -2.18 -9.48 10.69
N TYR B 76 -3.16 -9.32 9.80
CA TYR B 76 -4.27 -8.40 10.06
C TYR B 76 -5.34 -8.98 10.97
N VAL B 77 -5.53 -10.31 10.93
CA VAL B 77 -6.33 -10.96 11.95
C VAL B 77 -5.73 -10.68 13.34
N ILE B 78 -4.44 -10.91 13.47
CA ILE B 78 -3.72 -10.65 14.71
C ILE B 78 -3.80 -9.19 15.10
N GLY B 79 -3.56 -8.28 14.15
CA GLY B 79 -3.58 -6.85 14.45
C GLY B 79 -4.94 -6.34 14.88
N VAL B 80 -5.97 -6.71 14.14
CA VAL B 80 -7.33 -6.26 14.47
C VAL B 80 -7.75 -6.83 15.83
N ALA B 81 -7.48 -8.12 16.05
CA ALA B 81 -7.78 -8.71 17.37
C ALA B 81 -7.06 -7.97 18.48
N THR B 82 -5.79 -7.63 18.26
CA THR B 82 -5.02 -6.90 19.26
C THR B 82 -5.66 -5.56 19.60
N LEU B 83 -6.03 -4.81 18.57
CA LEU B 83 -6.71 -3.52 18.78
C LEU B 83 -8.02 -3.68 19.53
N MET B 84 -8.80 -4.69 19.18
CA MET B 84 -10.06 -4.94 19.89
C MET B 84 -9.81 -5.18 21.38
N VAL B 85 -8.72 -5.87 21.70
CA VAL B 85 -8.38 -6.12 23.10
C VAL B 85 -7.87 -4.83 23.77
N GLU B 86 -6.97 -4.13 23.10
CA GLU B 86 -6.37 -2.91 23.66
C GLU B 86 -7.41 -1.83 23.91
N LYS B 87 -8.41 -1.77 23.04
CA LYS B 87 -9.48 -0.76 23.14
C LYS B 87 -10.60 -1.20 24.10
N GLY B 88 -10.46 -2.39 24.67
CA GLY B 88 -11.39 -2.86 25.70
C GLY B 88 -12.67 -3.45 25.17
N ILE B 89 -12.73 -3.71 23.86
CA ILE B 89 -13.91 -4.28 23.23
C ILE B 89 -14.01 -5.79 23.46
N LEU B 90 -12.85 -6.46 23.37
CA LEU B 90 -12.76 -7.90 23.55
C LEU B 90 -11.69 -8.21 24.58
N THR B 91 -11.71 -9.43 25.09
CA THR B 91 -10.60 -9.91 25.92
C THR B 91 -9.85 -11.01 25.19
N GLN B 92 -8.57 -11.16 25.51
CA GLN B 92 -7.80 -12.24 24.92
C GLN B 92 -8.35 -13.61 25.37
N ASP B 93 -8.85 -13.68 26.60
CA ASP B 93 -9.46 -14.90 27.14
C ASP B 93 -10.58 -15.41 26.26
N GLU B 94 -11.50 -14.51 25.88
CA GLU B 94 -12.65 -14.93 25.10
C GLU B 94 -12.25 -15.26 23.66
N LEU B 95 -11.24 -14.58 23.13
CA LEU B 95 -10.72 -14.94 21.80
C LEU B 95 -10.10 -16.34 21.81
N GLU B 96 -9.35 -16.66 22.84
CA GLU B 96 -8.72 -17.98 22.96
C GLU B 96 -9.74 -19.08 23.24
N SER B 97 -10.77 -18.75 24.02
CA SER B 97 -11.86 -19.69 24.28
C SER B 97 -12.61 -20.03 22.99
N LEU B 98 -12.94 -19.02 22.23
CA LEU B 98 -13.64 -19.21 20.96
C LEU B 98 -12.76 -19.90 19.92
N ALA B 99 -11.47 -19.56 19.90
CA ALA B 99 -10.53 -20.16 18.95
C ALA B 99 -10.16 -21.59 19.31
N GLY B 100 -10.33 -21.95 20.59
CA GLY B 100 -9.97 -23.28 21.05
C GLY B 100 -8.47 -23.48 21.21
N GLY B 101 -7.74 -22.39 21.44
CA GLY B 101 -6.30 -22.48 21.61
C GLY B 101 -5.65 -21.11 21.63
N PRO B 102 -4.31 -21.09 21.61
CA PRO B 102 -3.56 -19.84 21.76
C PRO B 102 -3.79 -18.85 20.61
N PHE B 103 -3.90 -17.58 21.00
CA PHE B 103 -4.12 -16.49 20.07
C PHE B 103 -3.17 -15.36 20.50
N PRO B 104 -1.85 -15.55 20.35
CA PRO B 104 -0.93 -14.49 20.73
C PRO B 104 -1.17 -13.24 19.88
N LEU B 105 -0.95 -12.08 20.50
CA LEU B 105 -1.26 -10.79 19.89
C LEU B 105 0.00 -9.99 19.60
N SER B 106 -0.16 -8.83 18.98
CA SER B 106 0.98 -7.93 18.84
C SER B 106 1.47 -7.48 20.22
N ARG B 107 2.74 -7.04 20.27
CA ARG B 107 3.30 -6.54 21.52
C ARG B 107 2.76 -5.16 21.86
N PRO B 108 2.71 -4.81 23.16
CA PRO B 108 2.28 -3.47 23.56
C PRO B 108 3.16 -2.40 22.93
N SER B 109 2.57 -1.23 22.70
CA SER B 109 3.31 -0.09 22.17
C SER B 109 4.34 0.38 23.18
N GLU B 110 5.49 0.78 22.67
CA GLU B 110 6.54 1.31 23.53
C GLU B 110 6.70 2.81 23.34
N SER B 111 5.76 3.39 22.59
CA SER B 111 5.72 4.83 22.41
C SER B 111 4.28 5.33 22.47
N GLU B 112 4.11 6.52 23.04
CA GLU B 112 2.80 7.18 23.08
C GLU B 112 2.51 7.92 21.78
N GLY B 113 3.44 7.87 20.85
CA GLY B 113 3.34 8.62 19.60
C GLY B 113 3.84 10.04 19.78
N ARG B 114 3.57 10.88 18.79
CA ARG B 114 3.97 12.29 18.88
C ARG B 114 2.96 13.17 18.14
N PRO B 115 2.86 14.45 18.51
CA PRO B 115 1.90 15.32 17.86
C PRO B 115 2.32 15.67 16.44
N ALA B 116 1.37 16.15 15.64
CA ALA B 116 1.70 16.81 14.38
C ALA B 116 2.73 17.91 14.70
N PRO B 117 3.82 17.99 13.91
CA PRO B 117 4.85 18.99 14.18
C PRO B 117 4.30 20.40 14.19
N VAL B 118 4.81 21.22 15.12
CA VAL B 118 4.34 22.59 15.27
C VAL B 118 4.86 23.51 14.17
N GLU B 119 6.10 23.27 13.74
CA GLU B 119 6.71 24.11 12.72
C GLU B 119 7.04 23.29 11.49
N THR B 120 6.30 23.57 10.41
CA THR B 120 6.52 22.94 9.11
C THR B 120 6.55 24.00 8.01
N THR B 121 6.88 23.58 6.79
CA THR B 121 6.99 24.49 5.66
C THR B 121 6.11 24.00 4.53
N THR B 122 5.42 24.92 3.88
CA THR B 122 4.71 24.61 2.65
C THR B 122 5.72 24.63 1.52
N PHE B 123 5.94 23.46 0.93
CA PHE B 123 6.90 23.34 -0.16
C PHE B 123 6.23 23.44 -1.53
N GLU B 124 7.01 23.85 -2.52
CA GLU B 124 6.50 23.98 -3.89
C GLU B 124 7.15 22.95 -4.80
N VAL B 125 6.43 22.57 -5.86
CA VAL B 125 6.98 21.68 -6.89
C VAL B 125 8.33 22.23 -7.35
N GLY B 126 9.32 21.34 -7.43
CA GLY B 126 10.66 21.70 -7.88
C GLY B 126 11.64 22.03 -6.77
N GLN B 127 11.11 22.25 -5.57
CA GLN B 127 11.93 22.62 -4.42
C GLN B 127 12.71 21.40 -3.89
N ARG B 128 13.93 21.67 -3.44
CA ARG B 128 14.77 20.62 -2.84
C ARG B 128 14.48 20.51 -1.35
N VAL B 129 14.21 19.29 -0.89
CA VAL B 129 13.93 19.05 0.54
C VAL B 129 14.79 17.93 1.08
N ARG B 130 15.01 17.95 2.39
CA ARG B 130 15.66 16.84 3.07
C ARG B 130 14.65 16.20 4.03
N VAL B 131 14.70 14.88 4.11
CA VAL B 131 13.89 14.16 5.09
C VAL B 131 14.53 14.36 6.47
N ARG B 132 13.75 14.88 7.41
CA ARG B 132 14.27 15.19 8.74
C ARG B 132 15.00 13.99 9.32
N ASP B 133 16.19 14.26 9.86
CA ASP B 133 17.01 13.23 10.50
C ASP B 133 16.50 12.99 11.93
N GLU B 134 15.37 12.30 12.00
CA GLU B 134 14.68 12.04 13.26
C GLU B 134 14.39 10.55 13.40
N TYR B 135 14.38 10.09 14.65
CA TYR B 135 14.06 8.72 14.99
C TYR B 135 12.80 8.68 15.82
N VAL B 136 11.81 7.94 15.34
CA VAL B 136 10.47 7.88 15.93
C VAL B 136 10.18 6.42 16.30
N PRO B 137 10.08 6.12 17.61
CA PRO B 137 9.86 4.73 18.05
C PRO B 137 8.46 4.23 17.78
N GLY B 138 7.49 5.15 17.70
CA GLY B 138 6.11 4.80 17.37
C GLY B 138 5.90 4.81 15.88
N HIS B 139 4.65 4.90 15.48
CA HIS B 139 4.31 4.82 14.06
C HIS B 139 4.85 6.02 13.29
N ILE B 140 5.41 5.76 12.11
CA ILE B 140 5.85 6.81 11.19
C ILE B 140 5.75 6.29 9.76
N ARG B 141 5.29 7.14 8.84
CA ARG B 141 5.17 6.76 7.43
C ARG B 141 6.37 7.22 6.61
N MET B 142 7.54 6.96 7.16
CA MET B 142 8.80 7.27 6.50
C MET B 142 9.64 5.99 6.55
N PRO B 143 9.85 5.35 5.39
CA PRO B 143 10.76 4.22 5.35
C PRO B 143 12.19 4.70 5.58
N ALA B 144 12.98 3.94 6.34
CA ALA B 144 14.28 4.44 6.77
C ALA B 144 15.22 4.77 5.64
N TYR B 145 15.03 4.15 4.48
CA TYR B 145 15.96 4.40 3.37
C TYR B 145 16.02 5.85 2.93
N CYS B 146 14.99 6.63 3.26
CA CYS B 146 14.99 8.04 2.88
C CYS B 146 15.33 9.01 4.02
N ARG B 147 15.51 8.50 5.25
CA ARG B 147 15.82 9.39 6.38
C ARG B 147 17.12 10.14 6.10
N GLY B 148 17.07 11.46 6.25
CA GLY B 148 18.25 12.30 6.06
C GLY B 148 18.63 12.55 4.62
N ARG B 149 17.87 11.99 3.68
CA ARG B 149 18.21 12.09 2.26
C ARG B 149 17.52 13.29 1.59
N VAL B 150 18.09 13.72 0.46
CA VAL B 150 17.61 14.91 -0.24
C VAL B 150 16.93 14.53 -1.56
N GLY B 151 15.81 15.18 -1.83
CA GLY B 151 15.08 14.96 -3.06
C GLY B 151 14.34 16.21 -3.52
N THR B 152 13.57 16.07 -4.59
CA THR B 152 12.85 17.20 -5.20
C THR B 152 11.35 16.94 -5.15
N ILE B 153 10.58 17.99 -4.82
CA ILE B 153 9.12 17.90 -4.79
C ILE B 153 8.55 17.77 -6.19
N SER B 154 7.77 16.71 -6.45
CA SER B 154 7.07 16.58 -7.72
C SER B 154 5.56 16.88 -7.61
N HIS B 155 5.05 16.89 -6.38
CA HIS B 155 3.61 17.06 -6.12
C HIS B 155 3.40 17.44 -4.67
N ARG B 156 2.51 18.41 -4.44
CA ARG B 156 1.97 18.68 -3.11
C ARG B 156 0.50 18.33 -3.17
N THR B 157 0.04 17.45 -2.27
CA THR B 157 -1.35 17.03 -2.35
C THR B 157 -2.31 18.20 -2.14
N THR B 158 -3.46 18.11 -2.79
CA THR B 158 -4.50 19.14 -2.66
C THR B 158 -5.45 18.83 -1.51
N GLU B 159 -5.19 17.72 -0.82
CA GLU B 159 -5.92 17.34 0.38
C GLU B 159 -4.94 17.21 1.53
N LYS B 160 -5.47 17.22 2.75
CA LYS B 160 -4.66 17.08 3.95
C LYS B 160 -5.19 15.94 4.80
N TRP B 161 -4.29 15.29 5.53
CA TRP B 161 -4.65 14.17 6.40
C TRP B 161 -4.00 14.27 7.77
N PRO B 162 -4.57 13.57 8.77
CA PRO B 162 -3.95 13.53 10.09
C PRO B 162 -2.54 12.92 10.06
N PHE B 163 -1.65 13.48 10.85
CA PHE B 163 -0.26 13.04 10.95
C PHE B 163 -0.23 11.61 11.50
N PRO B 164 0.33 10.66 10.72
CA PRO B 164 0.26 9.26 11.13
C PRO B 164 0.89 8.97 12.49
N ASP B 165 1.93 9.72 12.84
CA ASP B 165 2.66 9.49 14.08
C ASP B 165 1.79 9.78 15.31
N ALA B 166 0.70 10.51 15.07
CA ALA B 166 -0.28 10.82 16.11
C ALA B 166 -1.53 9.95 16.00
N ILE B 167 -2.16 9.95 14.83
CA ILE B 167 -3.40 9.17 14.67
C ILE B 167 -3.16 7.66 14.75
N GLY B 168 -1.95 7.22 14.38
CA GLY B 168 -1.55 5.82 14.53
C GLY B 168 -1.45 5.34 15.97
N HIS B 169 -1.57 6.28 16.92
CA HIS B 169 -1.60 5.98 18.34
C HIS B 169 -2.92 6.44 18.95
N GLY B 170 -3.87 6.84 18.10
CA GLY B 170 -5.19 7.32 18.56
C GLY B 170 -5.13 8.63 19.33
N ARG B 171 -4.12 9.45 19.08
CA ARG B 171 -3.96 10.72 19.78
C ARG B 171 -4.94 11.77 19.26
N ASN B 172 -5.17 12.81 20.07
CA ASN B 172 -6.09 13.89 19.71
C ASN B 172 -5.41 15.05 19.01
N ASP B 173 -4.10 14.93 18.77
CA ASP B 173 -3.31 16.05 18.25
C ASP B 173 -2.65 15.78 16.89
N ALA B 174 -3.32 14.99 16.05
CA ALA B 174 -2.81 14.67 14.73
C ALA B 174 -2.94 15.80 13.70
N GLY B 175 -3.78 16.78 14.00
CA GLY B 175 -4.01 17.89 13.07
C GLY B 175 -4.26 17.44 11.65
N GLU B 176 -3.66 18.16 10.70
CA GLU B 176 -3.73 17.79 9.29
C GLU B 176 -2.56 18.41 8.53
N GLU B 177 -2.04 17.64 7.58
CA GLU B 177 -0.93 18.06 6.74
C GLU B 177 -1.15 17.50 5.35
N PRO B 178 -0.68 18.22 4.32
CA PRO B 178 -0.62 17.60 3.01
C PRO B 178 0.60 16.67 2.98
N THR B 179 0.69 15.87 1.92
CA THR B 179 1.90 15.09 1.70
C THR B 179 2.53 15.53 0.40
N TYR B 180 3.78 15.10 0.22
CA TYR B 180 4.59 15.51 -0.90
C TYR B 180 5.18 14.32 -1.59
N HIS B 181 5.05 14.28 -2.91
CA HIS B 181 5.78 13.29 -3.68
C HIS B 181 7.20 13.78 -3.81
N VAL B 182 8.12 13.09 -3.13
CA VAL B 182 9.51 13.51 -3.13
C VAL B 182 10.31 12.53 -3.96
N LYS B 183 10.91 13.04 -5.04
CA LYS B 183 11.70 12.21 -5.93
C LYS B 183 13.16 12.21 -5.51
N PHE B 184 13.67 11.01 -5.23
CA PHE B 184 15.07 10.81 -4.89
C PHE B 184 15.77 10.07 -6.02
N ALA B 185 17.00 10.48 -6.32
CA ALA B 185 17.81 9.69 -7.23
C ALA B 185 18.14 8.38 -6.55
N ALA B 186 18.15 7.29 -7.31
CA ALA B 186 18.49 5.99 -6.74
C ALA B 186 19.83 6.02 -6.00
N GLU B 187 20.81 6.72 -6.58
CA GLU B 187 22.14 6.80 -5.99
C GLU B 187 22.15 7.55 -4.65
N GLU B 188 21.18 8.43 -4.47
CA GLU B 188 21.06 9.14 -3.19
C GLU B 188 20.68 8.18 -2.07
N LEU B 189 19.90 7.15 -2.41
CA LEU B 189 19.37 6.21 -1.43
C LEU B 189 20.25 5.00 -1.21
N PHE B 190 20.91 4.54 -2.28
CA PHE B 190 21.64 3.27 -2.24
C PHE B 190 23.04 3.36 -2.85
N GLY B 191 23.55 4.57 -3.08
CA GLY B 191 24.86 4.73 -3.69
C GLY B 191 24.95 3.99 -5.01
N SER B 192 26.05 3.27 -5.20
CA SER B 192 26.26 2.46 -6.40
C SER B 192 25.45 1.16 -6.43
N ASP B 193 24.88 0.78 -5.29
CA ASP B 193 24.31 -0.55 -5.12
C ASP B 193 22.81 -0.57 -5.39
N THR B 194 22.48 -0.21 -6.63
CA THR B 194 21.12 -0.12 -7.12
C THR B 194 21.17 -0.18 -8.63
N ASP B 195 20.10 -0.66 -9.27
CA ASP B 195 20.01 -0.64 -10.72
C ASP B 195 18.88 0.26 -11.23
N GLY B 196 18.32 1.04 -10.31
CA GLY B 196 17.16 1.86 -10.58
C GLY B 196 17.50 3.26 -11.05
N GLY B 197 16.46 4.09 -11.17
CA GLY B 197 16.65 5.45 -11.65
C GLY B 197 16.30 6.42 -10.54
N SER B 198 15.01 6.44 -10.21
CA SER B 198 14.53 7.29 -9.14
C SER B 198 13.49 6.54 -8.30
N VAL B 199 13.27 7.05 -7.09
CA VAL B 199 12.26 6.52 -6.17
C VAL B 199 11.48 7.73 -5.67
N VAL B 200 10.15 7.65 -5.73
CA VAL B 200 9.30 8.73 -5.24
C VAL B 200 8.58 8.24 -4.00
N VAL B 201 8.82 8.93 -2.88
CA VAL B 201 8.22 8.59 -1.59
C VAL B 201 7.18 9.66 -1.26
N ASP B 202 6.02 9.25 -0.75
CA ASP B 202 4.92 10.16 -0.47
C ASP B 202 5.00 10.56 1.00
N LEU B 203 5.59 11.72 1.27
CA LEU B 203 5.98 12.09 2.62
C LEU B 203 5.16 13.21 3.22
N PHE B 204 4.66 12.99 4.43
CA PHE B 204 3.98 14.06 5.17
C PHE B 204 4.89 15.28 5.33
N GLU B 205 4.26 16.45 5.30
CA GLU B 205 4.97 17.72 5.43
C GLU B 205 5.89 17.72 6.65
N GLY B 206 5.40 17.15 7.75
CA GLY B 206 6.12 17.15 9.02
C GLY B 206 7.38 16.28 9.04
N TYR B 207 7.61 15.54 7.96
CA TYR B 207 8.83 14.74 7.83
C TYR B 207 9.91 15.48 7.06
N LEU B 208 9.61 16.68 6.58
CA LEU B 208 10.49 17.37 5.65
C LEU B 208 11.02 18.69 6.17
N GLU B 209 12.15 19.11 5.60
CA GLU B 209 12.75 20.40 5.89
C GLU B 209 13.41 20.90 4.60
N PRO B 210 13.61 22.23 4.46
CA PRO B 210 14.32 22.71 3.30
C PRO B 210 15.73 22.13 3.22
N ALA B 211 16.20 21.85 2.02
CA ALA B 211 17.56 21.35 1.84
C ALA B 211 18.54 22.50 2.07
N ALA B 212 19.65 22.21 2.75
CA ALA B 212 20.68 23.20 3.11
C ALA B 212 20.21 24.22 4.16
#